data_5IHA
#
_entry.id   5IHA
#
_cell.length_a   57.152
_cell.length_b   67.633
_cell.length_c   104.651
_cell.angle_alpha   90.000
_cell.angle_beta   90.000
_cell.angle_gamma   90.000
#
_symmetry.space_group_name_H-M   'P 21 21 21'
#
loop_
_entity.id
_entity.type
_entity.pdbx_description
1 polymer 'Maternal embryonic leucine zipper kinase'
2 non-polymer 1-methyl-4-(4-{4-[3-(2-methylpropoxy)pyridin-4-yl]-1H-pyrazol-1-yl}phenyl)piperazine
3 water water
#
_entity_poly.entity_id   1
_entity_poly.type   'polypeptide(L)'
_entity_poly.pdbx_seq_one_letter_code
;MDYDELLKYYELHETIGTGGFAKVKLACHILTGEMVAIKIMDKNTLGSDLPRIKTEIEALKNLRHQHICQLYHVLETANK
IFMVLEYCPGGELFDYIISQDRLSEEETRVVFRQIVSAVAYVHSQGYAHRDLKPENLLFDEYHKLKLIDFGLCAKPKGNK
DYHLQTCCGSLAYAAPELIQGKSYLGSEADVWSMGILLYVLMCGFLPFDDDNVMALYKKIMRGKYDVPKWLSPSSILLLQ
QMLQVDPKKRISMKNLLNHPWIMQDYNYPVEWQSKNPFIHLDDDCVTELSVHHRNNRQTMEDLISLWQYDHLTATYLLLL
AKKARGKPVHHHHHH
;
_entity_poly.pdbx_strand_id   A
#
# COMPACT_ATOMS: atom_id res chain seq x y z
N MET A 1 22.39 -21.90 3.65
CA MET A 1 21.30 -22.52 2.90
C MET A 1 20.13 -21.57 2.57
N ASP A 2 19.76 -20.70 3.52
CA ASP A 2 18.64 -19.77 3.36
C ASP A 2 18.80 -18.72 2.26
N TYR A 3 20.02 -18.19 2.06
CA TYR A 3 20.27 -17.11 1.08
C TYR A 3 20.85 -17.56 -0.27
N ASP A 4 21.20 -18.85 -0.41
CA ASP A 4 21.80 -19.40 -1.63
C ASP A 4 21.06 -19.05 -2.92
N GLU A 5 19.76 -19.38 -3.02
CA GLU A 5 19.00 -19.09 -4.23
C GLU A 5 18.85 -17.58 -4.49
N LEU A 6 18.62 -16.80 -3.41
CA LEU A 6 18.44 -15.33 -3.49
C LEU A 6 19.69 -14.65 -4.06
N LEU A 7 20.88 -15.11 -3.66
CA LEU A 7 22.15 -14.56 -4.11
C LEU A 7 22.50 -14.80 -5.59
N LYS A 8 21.72 -15.64 -6.27
CA LYS A 8 21.90 -15.90 -7.70
C LYS A 8 21.33 -14.72 -8.49
N TYR A 9 20.37 -14.00 -7.89
CA TYR A 9 19.63 -12.92 -8.54
C TYR A 9 19.82 -11.52 -7.97
N TYR A 10 20.18 -11.41 -6.68
CA TYR A 10 20.30 -10.11 -6.00
C TYR A 10 21.62 -9.96 -5.26
N GLU A 11 22.15 -8.71 -5.24
CA GLU A 11 23.35 -8.29 -4.50
C GLU A 11 22.73 -7.61 -3.27
N LEU A 12 22.94 -8.19 -2.06
CA LEU A 12 22.28 -7.67 -0.86
C LEU A 12 22.97 -6.47 -0.27
N HIS A 13 22.19 -5.51 0.20
CA HIS A 13 22.72 -4.33 0.86
C HIS A 13 22.36 -4.39 2.36
N GLU A 14 22.04 -3.24 2.98
CA GLU A 14 21.72 -3.04 4.40
C GLU A 14 20.33 -3.53 4.84
N THR A 15 20.20 -3.93 6.11
CA THR A 15 18.93 -4.24 6.74
C THR A 15 18.38 -2.87 7.15
N ILE A 16 17.10 -2.57 6.83
CA ILE A 16 16.49 -1.28 7.17
C ILE A 16 15.32 -1.41 8.15
N GLY A 17 14.76 -2.61 8.27
CA GLY A 17 13.63 -2.87 9.16
C GLY A 17 13.73 -4.19 9.88
N ALA A 22 8.89 -9.55 10.32
CA ALA A 22 9.65 -9.53 9.06
C ALA A 22 10.81 -8.55 9.07
N LYS A 23 11.96 -9.01 8.54
CA LYS A 23 13.15 -8.18 8.38
C LYS A 23 13.06 -7.58 6.96
N VAL A 24 13.54 -6.33 6.78
CA VAL A 24 13.56 -5.70 5.45
C VAL A 24 15.00 -5.37 5.08
N LYS A 25 15.46 -5.94 3.97
CA LYS A 25 16.80 -5.70 3.44
C LYS A 25 16.75 -5.01 2.09
N LEU A 26 17.62 -4.02 1.88
CA LEU A 26 17.71 -3.40 0.56
C LEU A 26 18.63 -4.24 -0.31
N ALA A 27 18.37 -4.25 -1.63
CA ALA A 27 19.18 -5.08 -2.53
C ALA A 27 19.15 -4.51 -3.95
N CYS A 28 20.00 -5.06 -4.80
CA CYS A 28 20.09 -4.66 -6.19
C CYS A 28 19.87 -5.90 -7.04
N HIS A 29 18.92 -5.83 -7.98
CA HIS A 29 18.66 -6.92 -8.92
C HIS A 29 19.84 -6.91 -9.93
N ILE A 30 20.65 -7.97 -9.94
CA ILE A 30 21.85 -8.10 -10.77
C ILE A 30 21.62 -7.83 -12.27
N LEU A 31 20.67 -8.54 -12.87
CA LEU A 31 20.41 -8.41 -14.31
C LEU A 31 20.10 -6.98 -14.81
N THR A 32 19.26 -6.22 -14.07
CA THR A 32 18.82 -4.86 -14.45
C THR A 32 19.58 -3.71 -13.78
N GLY A 33 20.15 -3.97 -12.61
CA GLY A 33 20.80 -2.96 -11.77
C GLY A 33 19.79 -2.17 -10.94
N GLU A 34 18.50 -2.59 -10.95
CA GLU A 34 17.46 -1.88 -10.21
C GLU A 34 17.44 -2.21 -8.73
N MET A 35 17.25 -1.16 -7.88
CA MET A 35 17.12 -1.32 -6.43
C MET A 35 15.79 -1.97 -6.09
N VAL A 36 15.78 -2.81 -5.04
CA VAL A 36 14.57 -3.49 -4.57
C VAL A 36 14.62 -3.52 -3.05
N ALA A 37 13.46 -3.80 -2.42
CA ALA A 37 13.38 -4.03 -0.99
C ALA A 37 13.02 -5.51 -0.86
N ILE A 38 13.68 -6.24 0.02
CA ILE A 38 13.39 -7.66 0.20
C ILE A 38 12.87 -7.84 1.62
N LYS A 39 11.66 -8.35 1.75
CA LYS A 39 11.03 -8.64 3.04
C LYS A 39 11.33 -10.11 3.34
N ILE A 40 11.94 -10.41 4.49
CA ILE A 40 12.37 -11.76 4.86
C ILE A 40 11.53 -12.28 6.04
N MET A 41 10.89 -13.46 5.89
CA MET A 41 10.06 -14.04 6.94
C MET A 41 10.52 -15.43 7.34
N ASP A 42 10.67 -15.66 8.66
CA ASP A 42 11.08 -16.94 9.23
C ASP A 42 9.80 -17.76 9.44
N LYS A 43 9.69 -18.88 8.72
CA LYS A 43 8.54 -19.79 8.72
C LYS A 43 8.23 -20.45 10.07
N ASN A 44 9.28 -20.67 10.90
CA ASN A 44 9.20 -21.32 12.21
C ASN A 44 9.12 -20.31 13.38
N THR A 45 9.13 -19.01 13.08
CA THR A 45 9.04 -17.93 14.07
C THR A 45 7.64 -17.25 14.00
N LEU A 46 6.83 -17.64 13.01
CA LEU A 46 5.46 -17.14 12.82
C LEU A 46 4.42 -18.21 13.07
N ARG A 52 -0.47 -15.52 7.40
CA ARG A 52 -0.13 -14.10 7.30
C ARG A 52 0.81 -13.84 6.12
N ILE A 53 1.83 -14.73 5.94
CA ILE A 53 2.74 -14.64 4.79
C ILE A 53 1.91 -15.04 3.56
N LYS A 54 1.22 -16.20 3.64
CA LYS A 54 0.42 -16.75 2.56
C LYS A 54 -0.71 -15.83 2.12
N THR A 55 -1.31 -15.10 3.09
CA THR A 55 -2.39 -14.13 2.88
C THR A 55 -1.90 -12.98 2.02
N GLU A 56 -0.78 -12.35 2.42
CA GLU A 56 -0.20 -11.23 1.71
C GLU A 56 0.22 -11.60 0.30
N ILE A 57 0.84 -12.79 0.13
CA ILE A 57 1.33 -13.24 -1.18
C ILE A 57 0.19 -13.40 -2.16
N GLU A 58 -0.84 -14.21 -1.80
CA GLU A 58 -2.04 -14.45 -2.61
C GLU A 58 -2.67 -13.11 -3.05
N ALA A 59 -2.86 -12.18 -2.11
CA ALA A 59 -3.43 -10.85 -2.39
C ALA A 59 -2.57 -10.05 -3.38
N LEU A 60 -1.27 -9.92 -3.08
CA LEU A 60 -0.36 -9.13 -3.92
C LEU A 60 -0.18 -9.68 -5.30
N LYS A 61 -0.32 -11.01 -5.48
CA LYS A 61 -0.22 -11.61 -6.80
C LYS A 61 -1.40 -11.18 -7.64
N ASN A 62 -2.54 -10.83 -6.98
CA ASN A 62 -3.78 -10.42 -7.63
C ASN A 62 -4.02 -8.94 -7.66
N LEU A 63 -3.13 -8.16 -7.05
CA LEU A 63 -3.27 -6.72 -7.02
C LEU A 63 -2.10 -6.12 -7.73
N ARG A 64 -2.35 -5.16 -8.64
CA ARG A 64 -1.28 -4.51 -9.38
C ARG A 64 -1.79 -3.12 -9.66
N HIS A 65 -1.16 -2.10 -9.09
CA HIS A 65 -1.69 -0.73 -9.18
C HIS A 65 -0.59 0.26 -8.91
N GLN A 66 -0.72 1.46 -9.49
CA GLN A 66 0.21 2.59 -9.35
C GLN A 66 0.44 3.04 -7.90
N HIS A 67 -0.52 2.77 -7.00
CA HIS A 67 -0.41 3.15 -5.61
C HIS A 67 -0.33 1.98 -4.63
N ILE A 68 0.08 0.80 -5.14
CA ILE A 68 0.31 -0.37 -4.32
C ILE A 68 1.78 -0.83 -4.55
N CYS A 69 2.53 -1.01 -3.46
CA CYS A 69 3.91 -1.47 -3.56
C CYS A 69 3.91 -2.83 -4.23
N GLN A 70 4.50 -2.88 -5.42
CA GLN A 70 4.52 -4.05 -6.30
C GLN A 70 5.31 -5.23 -5.81
N LEU A 71 4.72 -6.43 -5.87
CA LEU A 71 5.44 -7.67 -5.59
C LEU A 71 6.13 -8.10 -6.90
N TYR A 72 7.43 -8.39 -6.84
CA TYR A 72 8.18 -8.80 -8.04
C TYR A 72 8.51 -10.28 -8.06
N HIS A 73 8.85 -10.85 -6.88
CA HIS A 73 9.43 -12.19 -6.82
C HIS A 73 9.22 -12.80 -5.44
N VAL A 74 8.80 -14.08 -5.41
CA VAL A 74 8.60 -14.83 -4.15
C VAL A 74 9.57 -16.00 -4.21
N LEU A 75 10.39 -16.16 -3.18
CA LEU A 75 11.34 -17.28 -3.11
C LEU A 75 11.10 -17.96 -1.77
N GLU A 76 11.11 -19.28 -1.74
CA GLU A 76 10.89 -20.05 -0.51
C GLU A 76 12.00 -21.07 -0.30
N THR A 77 12.50 -21.18 0.96
CA THR A 77 13.51 -22.15 1.40
C THR A 77 12.87 -22.99 2.53
N ALA A 78 13.69 -23.78 3.26
CA ALA A 78 13.18 -24.59 4.37
C ALA A 78 12.79 -23.69 5.54
N ASN A 79 13.56 -22.63 5.81
CA ASN A 79 13.32 -21.73 6.94
C ASN A 79 12.70 -20.40 6.60
N LYS A 80 12.86 -19.94 5.33
CA LYS A 80 12.43 -18.60 4.95
C LYS A 80 11.53 -18.48 3.72
N ILE A 81 10.80 -17.36 3.67
CA ILE A 81 10.02 -16.90 2.53
C ILE A 81 10.53 -15.49 2.28
N PHE A 82 10.97 -15.22 1.05
CA PHE A 82 11.47 -13.92 0.63
C PHE A 82 10.45 -13.29 -0.32
N MET A 83 10.16 -12.01 -0.12
CA MET A 83 9.26 -11.27 -0.98
C MET A 83 10.08 -10.08 -1.48
N VAL A 84 10.30 -10.03 -2.79
CA VAL A 84 11.05 -8.95 -3.42
C VAL A 84 10.02 -7.92 -3.88
N LEU A 85 10.20 -6.68 -3.40
CA LEU A 85 9.20 -5.63 -3.61
C LEU A 85 9.74 -4.33 -4.15
N GLU A 86 8.82 -3.48 -4.67
CA GLU A 86 9.12 -2.15 -5.23
C GLU A 86 9.86 -1.25 -4.24
N TYR A 87 10.91 -0.58 -4.72
CA TYR A 87 11.81 0.29 -3.95
C TYR A 87 11.13 1.63 -3.67
N CYS A 88 10.94 1.97 -2.38
CA CYS A 88 10.25 3.22 -1.99
C CYS A 88 11.18 4.06 -1.11
N PRO A 89 12.15 4.79 -1.72
CA PRO A 89 13.16 5.52 -0.91
C PRO A 89 12.70 6.79 -0.23
N GLY A 90 11.45 7.22 -0.48
CA GLY A 90 10.89 8.40 0.17
C GLY A 90 10.49 8.13 1.61
N GLY A 91 10.53 6.86 2.02
CA GLY A 91 10.20 6.48 3.39
C GLY A 91 8.72 6.49 3.73
N GLU A 92 8.40 6.33 5.03
CA GLU A 92 7.04 6.24 5.53
C GLU A 92 6.32 7.57 5.56
N LEU A 93 5.01 7.56 5.26
CA LEU A 93 4.15 8.73 5.39
C LEU A 93 4.11 9.16 6.88
N PHE A 94 4.19 8.18 7.81
CA PHE A 94 4.22 8.44 9.26
C PHE A 94 5.38 9.42 9.60
N ASP A 95 6.61 9.11 9.12
CA ASP A 95 7.79 9.94 9.35
C ASP A 95 7.69 11.29 8.64
N TYR A 96 7.08 11.29 7.45
CA TYR A 96 6.88 12.50 6.69
C TYR A 96 5.98 13.49 7.43
N ILE A 97 4.81 13.04 7.93
CA ILE A 97 3.87 13.91 8.67
C ILE A 97 4.58 14.53 9.90
N ILE A 98 5.33 13.71 10.64
CA ILE A 98 6.07 14.18 11.82
C ILE A 98 7.07 15.28 11.45
N SER A 99 7.87 15.03 10.39
CA SER A 99 8.89 15.96 9.91
C SER A 99 8.29 17.32 9.52
N GLN A 100 7.04 17.32 9.02
CA GLN A 100 6.33 18.54 8.61
C GLN A 100 5.47 19.11 9.72
N ASP A 101 5.37 18.41 10.87
CA ASP A 101 4.48 18.70 12.02
C ASP A 101 3.03 18.27 11.65
N ARG A 102 2.49 18.87 10.57
CA ARG A 102 1.16 18.58 9.99
C ARG A 102 1.15 19.12 8.56
N LEU A 103 0.26 18.60 7.70
CA LEU A 103 0.18 19.08 6.31
C LEU A 103 -0.97 20.06 6.16
N SER A 104 -0.86 21.04 5.24
CA SER A 104 -1.94 21.95 4.90
C SER A 104 -3.06 21.09 4.29
N GLU A 105 -4.26 21.67 4.16
CA GLU A 105 -5.40 20.99 3.54
C GLU A 105 -5.03 20.57 2.09
N GLU A 106 -4.37 21.48 1.37
CA GLU A 106 -3.93 21.27 -0.02
C GLU A 106 -2.96 20.11 -0.17
N GLU A 107 -1.93 20.03 0.70
CA GLU A 107 -0.98 18.92 0.61
C GLU A 107 -1.63 17.62 1.11
N THR A 108 -2.55 17.73 2.08
CA THR A 108 -3.31 16.57 2.56
C THR A 108 -4.11 15.99 1.38
N ARG A 109 -4.78 16.85 0.60
CA ARG A 109 -5.58 16.41 -0.54
C ARG A 109 -4.74 15.68 -1.59
N VAL A 110 -3.52 16.20 -1.89
CA VAL A 110 -2.58 15.57 -2.83
C VAL A 110 -2.33 14.10 -2.39
N VAL A 111 -1.96 13.88 -1.13
N VAL A 111 -1.98 13.92 -1.12
CA VAL A 111 -1.65 12.54 -0.62
CA VAL A 111 -1.66 12.63 -0.48
C VAL A 111 -2.91 11.67 -0.40
C VAL A 111 -2.91 11.72 -0.42
N PHE A 112 -4.00 12.25 0.12
CA PHE A 112 -5.26 11.53 0.36
C PHE A 112 -5.91 10.99 -0.90
N ARG A 113 -5.84 11.76 -2.00
CA ARG A 113 -6.40 11.29 -3.26
C ARG A 113 -5.67 10.03 -3.74
N GLN A 114 -4.38 9.89 -3.40
CA GLN A 114 -3.58 8.69 -3.75
C GLN A 114 -3.98 7.49 -2.89
N ILE A 115 -4.25 7.72 -1.61
CA ILE A 115 -4.73 6.69 -0.67
C ILE A 115 -6.09 6.20 -1.15
N VAL A 116 -6.99 7.14 -1.48
CA VAL A 116 -8.35 6.82 -2.00
C VAL A 116 -8.22 5.96 -3.27
N SER A 117 -7.32 6.36 -4.19
CA SER A 117 -7.07 5.61 -5.43
C SER A 117 -6.71 4.14 -5.13
N ALA A 118 -5.71 3.89 -4.26
CA ALA A 118 -5.26 2.52 -3.94
C ALA A 118 -6.40 1.73 -3.26
N VAL A 119 -7.03 2.29 -2.22
CA VAL A 119 -8.07 1.60 -1.42
C VAL A 119 -9.30 1.24 -2.24
N ALA A 120 -9.76 2.16 -3.09
CA ALA A 120 -10.91 1.88 -3.97
C ALA A 120 -10.60 0.71 -4.90
N TYR A 121 -9.37 0.68 -5.44
CA TYR A 121 -8.95 -0.42 -6.34
C TYR A 121 -8.92 -1.75 -5.57
N VAL A 122 -8.38 -1.76 -4.35
CA VAL A 122 -8.32 -2.95 -3.48
C VAL A 122 -9.75 -3.48 -3.30
N HIS A 123 -10.70 -2.60 -3.00
CA HIS A 123 -12.11 -3.02 -2.82
C HIS A 123 -12.71 -3.53 -4.14
N SER A 124 -12.36 -2.90 -5.27
CA SER A 124 -12.85 -3.34 -6.60
C SER A 124 -12.40 -4.76 -6.93
N GLN A 125 -11.24 -5.19 -6.37
CA GLN A 125 -10.67 -6.53 -6.58
C GLN A 125 -11.22 -7.60 -5.61
N GLY A 126 -12.10 -7.19 -4.69
CA GLY A 126 -12.75 -8.09 -3.73
C GLY A 126 -12.01 -8.23 -2.41
N TYR A 127 -11.11 -7.31 -2.10
CA TYR A 127 -10.34 -7.37 -0.85
C TYR A 127 -10.63 -6.15 0.03
N ALA A 128 -10.19 -6.22 1.30
CA ALA A 128 -10.22 -5.13 2.27
C ALA A 128 -8.82 -5.18 2.88
N HIS A 129 -8.17 -4.03 3.06
CA HIS A 129 -6.79 -3.99 3.60
C HIS A 129 -6.75 -4.34 5.10
N ARG A 130 -7.62 -3.69 5.90
CA ARG A 130 -7.83 -3.86 7.35
C ARG A 130 -6.71 -3.37 8.28
N ASP A 131 -5.66 -2.73 7.74
CA ASP A 131 -4.59 -2.23 8.58
C ASP A 131 -4.02 -0.91 8.04
N LEU A 132 -4.92 -0.05 7.56
CA LEU A 132 -4.55 1.25 7.00
C LEU A 132 -4.09 2.17 8.10
N LYS A 133 -2.91 2.75 7.91
CA LYS A 133 -2.22 3.65 8.85
C LYS A 133 -1.00 4.26 8.13
N PRO A 134 -0.48 5.44 8.57
CA PRO A 134 0.66 6.05 7.84
C PRO A 134 1.94 5.23 7.77
N GLU A 135 2.16 4.27 8.69
CA GLU A 135 3.35 3.40 8.61
C GLU A 135 3.23 2.45 7.42
N ASN A 136 1.99 2.24 6.91
CA ASN A 136 1.72 1.34 5.79
C ASN A 136 1.63 2.03 4.44
N LEU A 137 2.14 3.28 4.36
CA LEU A 137 2.17 4.05 3.12
C LEU A 137 3.55 4.62 2.94
N LEU A 138 4.20 4.26 1.83
CA LEU A 138 5.58 4.70 1.57
C LEU A 138 5.65 5.59 0.33
N PHE A 139 6.60 6.51 0.30
CA PHE A 139 6.81 7.35 -0.88
C PHE A 139 7.88 6.73 -1.76
N ASP A 140 7.66 6.72 -3.07
CA ASP A 140 8.69 6.23 -3.99
C ASP A 140 9.57 7.41 -4.39
N GLU A 141 10.47 7.21 -5.37
CA GLU A 141 11.40 8.25 -5.82
C GLU A 141 10.73 9.45 -6.48
N TYR A 142 9.47 9.28 -6.94
CA TYR A 142 8.71 10.33 -7.62
C TYR A 142 7.77 11.02 -6.63
N HIS A 143 7.94 10.74 -5.32
CA HIS A 143 7.12 11.27 -4.21
C HIS A 143 5.64 10.82 -4.33
N LYS A 144 5.42 9.61 -4.87
CA LYS A 144 4.09 9.02 -5.00
C LYS A 144 3.94 7.94 -3.96
N LEU A 145 2.74 7.82 -3.39
CA LEU A 145 2.47 6.87 -2.33
C LEU A 145 2.27 5.46 -2.82
N LYS A 146 2.73 4.49 -2.02
CA LYS A 146 2.63 3.05 -2.25
C LYS A 146 2.12 2.39 -0.98
N LEU A 147 1.00 1.69 -1.07
CA LEU A 147 0.37 0.99 0.04
C LEU A 147 1.05 -0.35 0.27
N ILE A 148 1.45 -0.61 1.53
CA ILE A 148 2.14 -1.86 1.88
C ILE A 148 1.36 -2.64 2.94
N ASP A 149 1.91 -3.84 3.26
CA ASP A 149 1.43 -4.79 4.27
C ASP A 149 0.00 -5.26 4.09
N PHE A 150 -0.18 -6.29 3.27
CA PHE A 150 -1.49 -6.91 3.01
C PHE A 150 -1.62 -8.21 3.80
N GLY A 151 -0.85 -8.32 4.89
CA GLY A 151 -0.84 -9.49 5.76
C GLY A 151 -2.12 -9.73 6.55
N LEU A 152 -2.86 -8.64 6.85
CA LEU A 152 -4.12 -8.67 7.59
C LEU A 152 -5.32 -8.55 6.65
N CYS A 153 -5.09 -8.58 5.33
CA CYS A 153 -6.15 -8.42 4.34
C CYS A 153 -7.14 -9.59 4.29
N ALA A 154 -8.39 -9.31 3.91
CA ALA A 154 -9.43 -10.34 3.81
C ALA A 154 -10.18 -10.23 2.47
N LYS A 155 -10.94 -11.29 2.10
CA LYS A 155 -11.77 -11.34 0.88
C LYS A 155 -13.23 -11.01 1.17
N SER A 170 -2.02 0.32 15.13
CA SER A 170 -3.21 -0.40 14.71
C SER A 170 -4.47 -0.18 15.56
N LEU A 171 -4.41 -0.26 16.93
CA LEU A 171 -5.64 -0.03 17.71
C LEU A 171 -6.22 1.37 17.46
N ALA A 172 -5.37 2.41 17.43
CA ALA A 172 -5.73 3.79 17.15
C ALA A 172 -6.46 4.00 15.81
N TYR A 173 -6.19 3.12 14.83
CA TYR A 173 -6.78 3.16 13.47
C TYR A 173 -7.96 2.21 13.27
N ALA A 174 -8.23 1.31 14.24
CA ALA A 174 -9.30 0.31 14.13
C ALA A 174 -10.70 0.85 14.40
N ALA A 175 -11.65 0.41 13.55
CA ALA A 175 -13.05 0.77 13.64
C ALA A 175 -13.66 0.20 14.92
N PRO A 176 -14.64 0.91 15.55
CA PRO A 176 -15.25 0.39 16.80
C PRO A 176 -15.75 -1.05 16.74
N GLU A 177 -16.42 -1.43 15.63
CA GLU A 177 -16.96 -2.78 15.49
C GLU A 177 -15.86 -3.87 15.43
N LEU A 178 -14.71 -3.54 14.82
CA LEU A 178 -13.57 -4.44 14.64
C LEU A 178 -12.94 -4.77 16.00
N ILE A 179 -12.75 -3.75 16.87
CA ILE A 179 -12.20 -3.93 18.21
C ILE A 179 -13.10 -4.82 19.06
N GLN A 180 -14.43 -4.55 19.00
CA GLN A 180 -15.45 -5.26 19.77
C GLN A 180 -15.64 -6.74 19.41
N GLY A 181 -15.03 -7.17 18.31
CA GLY A 181 -15.13 -8.54 17.83
C GLY A 181 -16.49 -8.85 17.23
N LYS A 182 -17.13 -7.80 16.67
CA LYS A 182 -18.43 -7.87 16.02
C LYS A 182 -18.21 -8.19 14.56
N SER A 183 -19.25 -8.67 13.88
CA SER A 183 -19.14 -8.94 12.46
C SER A 183 -19.03 -7.58 11.76
N TYR A 184 -18.23 -7.53 10.72
CA TYR A 184 -18.03 -6.28 10.01
C TYR A 184 -17.73 -6.53 8.55
N LEU A 185 -17.84 -5.46 7.77
CA LEU A 185 -17.46 -5.44 6.37
C LEU A 185 -16.13 -4.72 6.32
N GLY A 186 -15.14 -5.40 5.75
CA GLY A 186 -13.80 -4.86 5.61
C GLY A 186 -13.78 -3.51 4.94
N SER A 187 -14.67 -3.26 3.95
CA SER A 187 -14.69 -1.96 3.26
C SER A 187 -15.07 -0.84 4.21
N GLU A 188 -16.02 -1.11 5.12
CA GLU A 188 -16.46 -0.11 6.12
C GLU A 188 -15.36 0.15 7.14
N ALA A 189 -14.64 -0.90 7.56
CA ALA A 189 -13.50 -0.73 8.49
C ALA A 189 -12.38 0.11 7.82
N ASP A 190 -12.11 -0.12 6.49
CA ASP A 190 -11.11 0.67 5.74
C ASP A 190 -11.51 2.15 5.70
N VAL A 191 -12.82 2.47 5.48
CA VAL A 191 -13.27 3.87 5.40
C VAL A 191 -13.04 4.55 6.76
N TRP A 192 -13.35 3.85 7.86
CA TRP A 192 -13.08 4.41 9.20
C TRP A 192 -11.57 4.72 9.34
N SER A 193 -10.69 3.75 9.02
CA SER A 193 -9.22 3.90 9.13
C SER A 193 -8.75 5.08 8.26
N MET A 194 -9.34 5.27 7.09
CA MET A 194 -9.01 6.39 6.19
C MET A 194 -9.42 7.72 6.82
N GLY A 195 -10.50 7.72 7.61
CA GLY A 195 -10.93 8.92 8.37
C GLY A 195 -9.90 9.31 9.42
N ILE A 196 -9.34 8.31 10.12
CA ILE A 196 -8.29 8.53 11.13
C ILE A 196 -7.06 9.09 10.44
N LEU A 197 -6.68 8.51 9.27
CA LEU A 197 -5.54 8.97 8.46
C LEU A 197 -5.71 10.44 8.04
N LEU A 198 -6.92 10.80 7.58
CA LEU A 198 -7.25 12.17 7.13
C LEU A 198 -7.03 13.17 8.28
N TYR A 199 -7.47 12.79 9.49
CA TYR A 199 -7.29 13.62 10.68
C TYR A 199 -5.80 13.83 10.99
N VAL A 200 -5.02 12.75 11.03
CA VAL A 200 -3.59 12.76 11.34
C VAL A 200 -2.83 13.59 10.31
N LEU A 201 -3.21 13.50 9.04
CA LEU A 201 -2.58 14.29 7.98
C LEU A 201 -2.74 15.80 8.22
N MET A 202 -3.94 16.24 8.61
CA MET A 202 -4.20 17.67 8.81
C MET A 202 -3.91 18.19 10.19
N CYS A 203 -3.76 17.29 11.19
CA CYS A 203 -3.50 17.71 12.58
C CYS A 203 -2.12 17.35 13.10
N GLY A 204 -1.57 16.20 12.68
CA GLY A 204 -0.27 15.72 13.14
C GLY A 204 -0.31 14.98 14.46
N PHE A 205 -1.51 14.56 14.88
CA PHE A 205 -1.81 13.82 16.12
C PHE A 205 -3.12 13.05 15.90
N LEU A 206 -3.34 11.99 16.69
CA LEU A 206 -4.53 11.14 16.56
C LEU A 206 -5.81 11.76 17.11
N PRO A 207 -6.99 11.45 16.51
CA PRO A 207 -8.25 11.93 17.10
C PRO A 207 -8.59 11.22 18.40
N PHE A 208 -8.20 9.93 18.54
CA PHE A 208 -8.42 9.09 19.73
C PHE A 208 -7.08 8.60 20.20
N ASP A 209 -6.66 9.06 21.36
CA ASP A 209 -5.35 8.66 21.89
C ASP A 209 -5.35 8.60 23.40
N ASP A 210 -4.61 7.63 23.95
CA ASP A 210 -4.46 7.45 25.39
C ASP A 210 -3.32 6.50 25.65
N ASP A 211 -2.60 6.69 26.78
CA ASP A 211 -1.51 5.81 27.22
C ASP A 211 -2.09 4.47 27.71
N ASN A 212 -3.33 4.49 28.24
CA ASN A 212 -3.99 3.28 28.70
C ASN A 212 -4.85 2.70 27.60
N VAL A 213 -4.68 1.40 27.29
CA VAL A 213 -5.40 0.70 26.19
C VAL A 213 -6.94 0.68 26.40
N MET A 214 -7.39 0.55 27.65
CA MET A 214 -8.83 0.49 27.91
C MET A 214 -9.44 1.88 27.75
N ALA A 215 -8.69 2.95 28.13
CA ALA A 215 -9.20 4.33 27.99
C ALA A 215 -9.22 4.71 26.50
N LEU A 216 -8.28 4.16 25.71
CA LEU A 216 -8.28 4.38 24.24
C LEU A 216 -9.54 3.71 23.62
N TYR A 217 -9.79 2.45 24.02
CA TYR A 217 -10.92 1.64 23.57
C TYR A 217 -12.23 2.42 23.87
N LYS A 218 -12.34 3.02 25.08
CA LYS A 218 -13.53 3.81 25.45
C LYS A 218 -13.66 5.02 24.49
N LYS A 219 -12.56 5.73 24.24
CA LYS A 219 -12.59 6.91 23.38
C LYS A 219 -13.05 6.60 21.96
N ILE A 220 -12.59 5.45 21.40
CA ILE A 220 -12.94 5.04 20.02
C ILE A 220 -14.45 4.71 19.94
N MET A 221 -14.95 3.93 20.89
CA MET A 221 -16.38 3.53 20.99
C MET A 221 -17.26 4.77 21.08
N ARG A 222 -16.82 5.82 21.81
CA ARG A 222 -17.60 7.06 21.97
C ARG A 222 -17.60 7.90 20.68
N GLY A 223 -16.49 7.87 19.94
CA GLY A 223 -16.36 8.54 18.64
C GLY A 223 -16.23 10.05 18.70
N LYS A 224 -15.96 10.61 19.89
CA LYS A 224 -15.82 12.06 20.07
C LYS A 224 -14.36 12.49 20.01
N TYR A 225 -14.09 13.52 19.22
CA TYR A 225 -12.72 14.01 19.06
C TYR A 225 -12.68 15.53 19.02
N ASP A 226 -11.51 16.11 19.34
CA ASP A 226 -11.34 17.56 19.26
C ASP A 226 -11.20 17.99 17.79
N VAL A 227 -11.77 19.15 17.48
CA VAL A 227 -11.76 19.74 16.14
C VAL A 227 -10.85 21.00 16.19
N PRO A 228 -9.55 20.89 15.84
CA PRO A 228 -8.68 22.08 15.91
C PRO A 228 -9.17 23.25 15.05
N LYS A 229 -8.85 24.48 15.48
CA LYS A 229 -9.27 25.73 14.84
C LYS A 229 -8.80 25.91 13.39
N TRP A 230 -7.69 25.24 13.01
CA TRP A 230 -7.15 25.33 11.67
C TRP A 230 -7.89 24.49 10.61
N LEU A 231 -8.79 23.58 11.03
CA LEU A 231 -9.54 22.77 10.05
C LEU A 231 -10.67 23.60 9.40
N SER A 232 -10.78 23.53 8.06
CA SER A 232 -11.83 24.24 7.32
C SER A 232 -13.21 23.56 7.54
N PRO A 233 -14.34 24.29 7.32
CA PRO A 233 -15.66 23.65 7.44
C PRO A 233 -15.81 22.37 6.60
N SER A 234 -15.30 22.36 5.35
CA SER A 234 -15.41 21.21 4.44
C SER A 234 -14.63 20.01 4.96
N SER A 235 -13.39 20.22 5.49
CA SER A 235 -12.55 19.17 6.12
C SER A 235 -13.31 18.53 7.29
N ILE A 236 -13.97 19.37 8.11
CA ILE A 236 -14.74 18.94 9.28
C ILE A 236 -15.91 18.03 8.86
N LEU A 237 -16.65 18.43 7.81
CA LEU A 237 -17.77 17.66 7.28
C LEU A 237 -17.30 16.32 6.72
N LEU A 238 -16.16 16.29 6.00
CA LEU A 238 -15.67 15.02 5.45
C LEU A 238 -15.25 14.09 6.57
N LEU A 239 -14.60 14.64 7.60
CA LEU A 239 -14.22 13.83 8.78
C LEU A 239 -15.44 13.19 9.47
N GLN A 240 -16.57 13.95 9.60
CA GLN A 240 -17.82 13.45 10.20
C GLN A 240 -18.42 12.32 9.36
N GLN A 241 -18.27 12.38 8.04
CA GLN A 241 -18.80 11.37 7.12
C GLN A 241 -18.05 10.04 7.16
N MET A 242 -16.75 10.08 7.49
CA MET A 242 -15.92 8.88 7.55
C MET A 242 -15.90 8.36 8.97
N LEU A 243 -15.82 9.27 9.95
CA LEU A 243 -15.75 8.88 11.35
C LEU A 243 -17.10 8.72 12.03
N GLN A 244 -17.90 7.76 11.55
CA GLN A 244 -19.20 7.45 12.16
C GLN A 244 -19.03 6.13 12.87
N VAL A 245 -19.40 6.06 14.15
CA VAL A 245 -19.30 4.83 14.92
C VAL A 245 -20.20 3.74 14.28
N ASP A 246 -21.38 4.14 13.80
CA ASP A 246 -22.30 3.21 13.12
C ASP A 246 -21.74 3.00 11.70
N PRO A 247 -21.26 1.78 11.35
CA PRO A 247 -20.65 1.57 10.02
C PRO A 247 -21.59 1.81 8.84
N LYS A 248 -22.90 1.64 9.06
CA LYS A 248 -23.91 1.85 8.02
C LYS A 248 -24.08 3.34 7.73
N LYS A 249 -23.61 4.22 8.65
CA LYS A 249 -23.67 5.66 8.43
C LYS A 249 -22.42 6.20 7.74
N ARG A 250 -21.36 5.38 7.60
CA ARG A 250 -20.10 5.77 6.96
C ARG A 250 -20.25 6.00 5.47
N ILE A 251 -19.51 6.97 4.92
CA ILE A 251 -19.57 7.24 3.48
C ILE A 251 -19.12 5.96 2.72
N SER A 252 -19.72 5.71 1.56
CA SER A 252 -19.27 4.58 0.75
C SER A 252 -18.04 5.06 -0.05
N MET A 253 -17.22 4.11 -0.49
CA MET A 253 -16.03 4.39 -1.28
C MET A 253 -16.35 5.10 -2.60
N LYS A 254 -17.46 4.71 -3.24
CA LYS A 254 -17.92 5.30 -4.49
C LYS A 254 -18.22 6.79 -4.30
N ASN A 255 -18.84 7.17 -3.18
CA ASN A 255 -19.14 8.59 -2.91
C ASN A 255 -17.90 9.37 -2.45
N LEU A 256 -16.85 8.64 -2.01
CA LEU A 256 -15.61 9.29 -1.64
C LEU A 256 -14.87 9.75 -2.88
N LEU A 257 -14.94 8.97 -3.97
CA LEU A 257 -14.26 9.26 -5.26
C LEU A 257 -14.55 10.64 -5.84
N ASN A 258 -15.78 11.14 -5.67
CA ASN A 258 -16.17 12.44 -6.22
C ASN A 258 -16.75 13.35 -5.15
N HIS A 259 -16.32 13.16 -3.89
CA HIS A 259 -16.77 13.99 -2.75
C HIS A 259 -16.36 15.46 -2.97
N PRO A 260 -17.23 16.46 -2.64
CA PRO A 260 -16.83 17.87 -2.84
C PRO A 260 -15.45 18.25 -2.31
N TRP A 261 -15.04 17.79 -1.10
CA TRP A 261 -13.71 18.07 -0.53
C TRP A 261 -12.61 17.47 -1.40
N ILE A 262 -12.83 16.22 -1.89
CA ILE A 262 -11.90 15.48 -2.76
C ILE A 262 -11.72 16.22 -4.12
N MET A 263 -12.81 16.77 -4.66
CA MET A 263 -12.84 17.46 -5.95
C MET A 263 -12.26 18.87 -5.91
N GLN A 264 -12.19 19.50 -4.71
CA GLN A 264 -11.70 20.87 -4.53
C GLN A 264 -10.31 21.02 -5.13
N ASP A 265 -10.13 21.99 -6.04
CA ASP A 265 -8.89 22.28 -6.78
C ASP A 265 -8.51 21.23 -7.83
N TYR A 266 -9.35 20.19 -8.02
CA TYR A 266 -9.12 19.12 -8.99
C TYR A 266 -10.21 19.09 -10.07
N ASN A 267 -11.50 19.06 -9.67
CA ASN A 267 -12.65 19.05 -10.59
C ASN A 267 -12.82 17.76 -11.43
N TYR A 268 -12.14 16.68 -11.00
CA TYR A 268 -12.27 15.36 -11.61
C TYR A 268 -12.24 14.32 -10.50
N PRO A 269 -13.04 13.24 -10.57
CA PRO A 269 -13.02 12.24 -9.49
C PRO A 269 -11.67 11.51 -9.41
N VAL A 270 -11.42 10.84 -8.29
CA VAL A 270 -10.17 10.08 -8.11
C VAL A 270 -10.10 8.96 -9.16
N GLU A 271 -8.94 8.82 -9.83
CA GLU A 271 -8.70 7.77 -10.80
C GLU A 271 -8.22 6.57 -10.01
N TRP A 272 -9.10 5.62 -9.79
CA TRP A 272 -8.78 4.45 -8.95
C TRP A 272 -8.38 3.27 -9.82
N GLN A 273 -8.81 3.27 -11.11
CA GLN A 273 -8.47 2.14 -11.99
C GLN A 273 -6.97 2.00 -12.14
N SER A 274 -6.50 0.75 -12.23
CA SER A 274 -5.08 0.45 -12.37
C SER A 274 -4.57 0.83 -13.75
N LYS A 275 -3.39 1.44 -13.79
CA LYS A 275 -2.64 1.79 -15.00
C LYS A 275 -1.56 0.71 -15.25
N ASN A 276 -1.46 -0.29 -14.36
CA ASN A 276 -0.40 -1.33 -14.38
C ASN A 276 -1.01 -2.68 -14.75
N PRO A 277 -0.93 -3.10 -16.03
CA PRO A 277 -1.68 -4.30 -16.45
C PRO A 277 -1.05 -5.67 -16.22
N PHE A 278 -1.93 -6.70 -16.31
CA PHE A 278 -1.55 -8.11 -16.28
C PHE A 278 -1.51 -8.60 -17.74
N ILE A 279 -2.44 -8.07 -18.58
CA ILE A 279 -2.61 -8.49 -19.95
C ILE A 279 -1.59 -7.88 -20.92
N HIS A 280 -1.62 -6.54 -21.10
CA HIS A 280 -0.73 -5.85 -22.02
C HIS A 280 0.72 -5.96 -21.60
N LEU A 281 1.60 -6.33 -22.55
CA LEU A 281 3.05 -6.36 -22.30
C LEU A 281 3.70 -5.23 -23.07
N ASP A 282 4.74 -4.65 -22.49
CA ASP A 282 5.49 -3.58 -23.11
C ASP A 282 6.55 -4.17 -24.06
N ASP A 283 6.45 -3.88 -25.38
CA ASP A 283 7.36 -4.43 -26.40
C ASP A 283 8.84 -4.18 -26.13
N ASP A 284 9.20 -2.96 -25.64
CA ASP A 284 10.58 -2.60 -25.34
C ASP A 284 11.16 -3.52 -24.26
N CYS A 285 10.38 -3.76 -23.18
CA CYS A 285 10.82 -4.61 -22.08
C CYS A 285 10.84 -6.08 -22.44
N VAL A 286 9.89 -6.54 -23.29
CA VAL A 286 9.94 -7.93 -23.79
C VAL A 286 11.25 -8.11 -24.60
N THR A 287 11.60 -7.11 -25.46
CA THR A 287 12.83 -7.14 -26.26
C THR A 287 14.05 -7.19 -25.32
N GLU A 288 14.11 -6.27 -24.34
CA GLU A 288 15.25 -6.21 -23.41
C GLU A 288 15.43 -7.51 -22.62
N LEU A 289 14.32 -8.11 -22.20
CA LEU A 289 14.30 -9.36 -21.42
C LEU A 289 14.74 -10.56 -22.28
N SER A 290 14.25 -10.63 -23.55
CA SER A 290 14.54 -11.72 -24.49
C SER A 290 16.02 -12.00 -24.75
N VAL A 291 16.90 -10.98 -24.71
CA VAL A 291 18.35 -11.18 -24.95
C VAL A 291 19.01 -12.08 -23.90
N HIS A 292 18.39 -12.19 -22.72
CA HIS A 292 18.87 -13.01 -21.60
C HIS A 292 18.33 -14.45 -21.62
N HIS A 293 17.49 -14.78 -22.62
CA HIS A 293 16.91 -16.12 -22.71
C HIS A 293 17.15 -16.74 -24.09
N ARG A 294 17.15 -18.09 -24.15
CA ARG A 294 17.40 -18.83 -25.40
C ARG A 294 16.12 -19.12 -26.22
N ASN A 295 14.99 -18.56 -25.79
CA ASN A 295 13.70 -18.75 -26.44
C ASN A 295 13.37 -17.65 -27.44
N ASN A 296 12.37 -17.91 -28.30
CA ASN A 296 11.88 -16.95 -29.27
C ASN A 296 10.90 -15.96 -28.61
N ARG A 297 10.47 -14.94 -29.38
CA ARG A 297 9.54 -13.87 -28.99
C ARG A 297 8.23 -14.38 -28.37
N GLN A 298 7.45 -15.18 -29.14
CA GLN A 298 6.16 -15.70 -28.70
C GLN A 298 6.28 -16.54 -27.41
N THR A 299 7.31 -17.42 -27.32
CA THR A 299 7.55 -18.27 -26.14
C THR A 299 7.79 -17.39 -24.90
N MET A 300 8.58 -16.33 -25.07
CA MET A 300 8.95 -15.33 -24.06
C MET A 300 7.71 -14.63 -23.53
N GLU A 301 6.86 -14.09 -24.42
CA GLU A 301 5.61 -13.40 -24.04
C GLU A 301 4.67 -14.34 -23.30
N ASP A 302 4.53 -15.60 -23.78
CA ASP A 302 3.68 -16.61 -23.13
C ASP A 302 4.16 -16.92 -21.74
N LEU A 303 5.50 -17.01 -21.53
CA LEU A 303 6.10 -17.26 -20.22
C LEU A 303 5.88 -16.10 -19.24
N ILE A 304 6.07 -14.85 -19.69
CA ILE A 304 5.86 -13.67 -18.84
C ILE A 304 4.38 -13.63 -18.39
N SER A 305 3.45 -13.86 -19.34
CA SER A 305 2.00 -13.85 -19.12
C SER A 305 1.48 -14.82 -18.08
N LEU A 306 2.31 -15.81 -17.67
CA LEU A 306 1.94 -16.78 -16.63
C LEU A 306 2.06 -16.19 -15.22
N TRP A 307 2.78 -15.04 -15.08
CA TRP A 307 3.01 -14.34 -13.80
C TRP A 307 3.28 -15.27 -12.63
N GLN A 308 4.37 -16.02 -12.71
CA GLN A 308 4.70 -16.96 -11.62
C GLN A 308 5.38 -16.29 -10.43
N TYR A 309 5.72 -14.99 -10.54
CA TYR A 309 6.47 -14.27 -9.49
C TYR A 309 7.81 -14.95 -9.21
N ASP A 310 8.42 -15.44 -10.29
CA ASP A 310 9.75 -16.05 -10.29
C ASP A 310 10.74 -14.95 -10.78
N HIS A 311 12.00 -15.30 -11.11
CA HIS A 311 13.01 -14.36 -11.59
C HIS A 311 12.60 -13.66 -12.91
N LEU A 312 11.88 -14.38 -13.78
CA LEU A 312 11.35 -13.82 -15.03
C LEU A 312 10.36 -12.69 -14.75
N THR A 313 9.43 -12.89 -13.79
CA THR A 313 8.47 -11.86 -13.40
C THR A 313 9.23 -10.65 -12.91
N ALA A 314 10.21 -10.87 -12.01
CA ALA A 314 11.01 -9.80 -11.44
C ALA A 314 11.72 -8.99 -12.50
N THR A 315 12.41 -9.67 -13.43
CA THR A 315 13.15 -9.03 -14.53
C THR A 315 12.22 -8.17 -15.37
N TYR A 316 11.06 -8.73 -15.78
CA TYR A 316 10.11 -7.97 -16.58
C TYR A 316 9.65 -6.69 -15.89
N LEU A 317 9.17 -6.81 -14.64
CA LEU A 317 8.60 -5.67 -13.90
C LEU A 317 9.63 -4.62 -13.53
N LEU A 318 10.90 -5.05 -13.31
CA LEU A 318 12.00 -4.12 -13.03
C LEU A 318 12.43 -3.40 -14.28
N LEU A 319 12.36 -4.07 -15.46
CA LEU A 319 12.66 -3.39 -16.71
C LEU A 319 11.61 -2.29 -16.99
N LEU A 320 10.35 -2.54 -16.60
N LEU A 320 10.34 -2.54 -16.60
CA LEU A 320 9.26 -1.59 -16.78
CA LEU A 320 9.26 -1.55 -16.75
C LEU A 320 9.44 -0.36 -15.85
C LEU A 320 9.56 -0.34 -15.89
N ALA A 321 9.98 -0.57 -14.62
CA ALA A 321 10.31 0.49 -13.67
C ALA A 321 11.54 1.28 -14.18
N LYS A 322 12.52 0.61 -14.82
CA LYS A 322 13.70 1.27 -15.39
C LYS A 322 13.26 2.21 -16.52
N LYS A 323 12.34 1.74 -17.40
CA LYS A 323 11.79 2.47 -18.54
C LYS A 323 10.98 3.69 -18.07
N ALA A 324 10.19 3.53 -17.00
CA ALA A 324 9.38 4.59 -16.42
C ALA A 324 10.25 5.76 -15.92
N ARG A 325 11.49 5.48 -15.47
CA ARG A 325 12.44 6.50 -14.98
C ARG A 325 12.94 7.40 -16.12
N GLY A 326 13.06 6.82 -17.33
CA GLY A 326 13.53 7.53 -18.51
C GLY A 326 12.42 8.08 -19.36
#